data_4NBR
#
_entry.id   4NBR
#
_cell.length_a   71.760
_cell.length_b   76.620
_cell.length_c   87.600
_cell.angle_alpha   90.000
_cell.angle_beta   90.000
_cell.angle_gamma   90.000
#
_symmetry.space_group_name_H-M   'I 2 2 2'
#
loop_
_entity.id
_entity.type
_entity.pdbx_description
1 polymer 'Hypothetical 3-oxoacyl-(Acyl-carrier protein) reductase'
2 non-polymer GLYCEROL
3 water water
#
_entity_poly.entity_id   1
_entity_poly.type   'polypeptide(L)'
_entity_poly.pdbx_seq_one_letter_code
;MAHHHHHHMELTEITPESLRLRPSHKERNVLITGAARGIGRAIAQAFVERSATVGICDLNLADVARTCEELNGLGLGRAV
PIACDVSDYDALVAAIDDTGLVFDTVVNNAGISPKHNGVAHKVWEMAPDEWRRVVDVNLTGTFNTIRALTPGMVEARRGW
IVNTSSVAGKTYSPIVACHYAATKSAIIGFTKHLAAELGPYSIRVNAMAPGRIATPMVAGVAPEVNAEQVKLTPMARLGQ
PAEVADVALWLTSTESSFVTGQTVDVAGGLYMA
;
_entity_poly.pdbx_strand_id   A
#
# COMPACT_ATOMS: atom_id res chain seq x y z
N HIS A 6 -24.15 14.06 -9.67
CA HIS A 6 -22.79 13.57 -9.26
C HIS A 6 -22.42 12.30 -10.00
N HIS A 7 -22.27 12.39 -11.31
CA HIS A 7 -22.04 11.17 -12.07
C HIS A 7 -20.55 10.91 -12.16
N HIS A 8 -20.26 9.67 -12.47
CA HIS A 8 -18.90 9.24 -12.67
C HIS A 8 -18.99 8.09 -13.63
N MET A 9 -17.89 7.88 -14.34
CA MET A 9 -17.81 6.84 -15.33
C MET A 9 -17.86 5.43 -14.70
N GLU A 10 -18.63 4.52 -15.33
CA GLU A 10 -18.60 3.09 -15.00
C GLU A 10 -17.23 2.51 -15.31
N LEU A 11 -16.89 1.42 -14.67
CA LEU A 11 -15.70 0.66 -15.04
C LEU A 11 -15.92 0.05 -16.41
N THR A 12 -14.85 0.05 -17.18
CA THR A 12 -14.81 -0.29 -18.58
C THR A 12 -13.95 -1.54 -18.90
N GLU A 13 -13.01 -1.85 -18.03
CA GLU A 13 -12.01 -2.90 -18.30
C GLU A 13 -12.17 -3.98 -17.24
N ILE A 14 -12.77 -5.12 -17.63
CA ILE A 14 -13.17 -6.15 -16.69
C ILE A 14 -12.32 -7.38 -16.91
N THR A 15 -11.56 -7.75 -15.89
CA THR A 15 -10.69 -8.91 -16.01
C THR A 15 -11.58 -10.17 -15.86
N PRO A 16 -11.54 -11.09 -16.84
CA PRO A 16 -12.32 -12.31 -16.70
C PRO A 16 -11.94 -13.08 -15.42
N GLU A 17 -12.90 -13.72 -14.77
CA GLU A 17 -12.64 -14.46 -13.54
CA GLU A 17 -12.64 -14.46 -13.52
C GLU A 17 -11.49 -15.46 -13.67
N SER A 18 -11.42 -16.18 -14.80
CA SER A 18 -10.37 -17.20 -14.98
C SER A 18 -8.95 -16.59 -14.95
N LEU A 19 -8.85 -15.33 -15.38
CA LEU A 19 -7.58 -14.61 -15.34
CA LEU A 19 -7.58 -14.60 -15.35
C LEU A 19 -7.37 -13.96 -13.97
N ARG A 20 -8.43 -13.41 -13.38
CA ARG A 20 -8.34 -12.77 -12.05
C ARG A 20 -7.85 -13.76 -11.01
N LEU A 21 -8.24 -15.03 -11.15
CA LEU A 21 -7.93 -16.07 -10.17
C LEU A 21 -6.79 -16.99 -10.63
N ARG A 22 -5.99 -16.55 -11.61
CA ARG A 22 -4.85 -17.38 -12.04
C ARG A 22 -3.84 -17.46 -10.88
N PRO A 23 -3.19 -18.61 -10.71
CA PRO A 23 -2.28 -18.79 -9.55
C PRO A 23 -0.90 -18.18 -9.79
N SER A 24 -0.90 -16.91 -10.19
CA SER A 24 0.36 -16.22 -10.52
C SER A 24 1.31 -16.11 -9.34
N HIS A 25 0.76 -16.11 -8.12
CA HIS A 25 1.57 -15.86 -6.93
C HIS A 25 1.49 -17.06 -5.99
N LYS A 26 1.30 -18.24 -6.57
CA LYS A 26 1.39 -19.47 -5.79
C LYS A 26 2.80 -19.63 -5.22
N GLU A 27 2.86 -20.20 -4.04
CA GLU A 27 4.13 -20.44 -3.34
CA GLU A 27 4.13 -20.44 -3.34
C GLU A 27 4.89 -19.13 -3.06
N ARG A 28 4.15 -18.08 -2.81
CA ARG A 28 4.71 -16.79 -2.38
C ARG A 28 4.14 -16.47 -1.03
N ASN A 29 4.96 -15.87 -0.18
CA ASN A 29 4.55 -15.37 1.15
C ASN A 29 4.72 -13.85 1.12
N VAL A 30 3.61 -13.15 1.23
CA VAL A 30 3.53 -11.71 0.99
C VAL A 30 3.02 -10.99 2.23
N LEU A 31 3.84 -10.11 2.77
CA LEU A 31 3.47 -9.29 3.91
C LEU A 31 2.84 -8.01 3.42
N ILE A 32 1.66 -7.66 3.93
CA ILE A 32 0.98 -6.45 3.53
C ILE A 32 0.67 -5.63 4.77
N THR A 33 1.13 -4.38 4.79
CA THR A 33 0.86 -3.50 5.92
C THR A 33 -0.37 -2.62 5.67
N GLY A 34 -1.00 -2.17 6.75
CA GLY A 34 -2.31 -1.50 6.65
C GLY A 34 -3.38 -2.37 6.04
N ALA A 35 -3.30 -3.68 6.27
CA ALA A 35 -4.09 -4.64 5.51
C ALA A 35 -5.45 -4.99 6.08
N ALA A 36 -5.82 -4.48 7.26
CA ALA A 36 -7.14 -4.82 7.77
C ALA A 36 -8.29 -4.25 6.96
N ARG A 37 -8.10 -3.04 6.43
CA ARG A 37 -9.17 -2.30 5.76
C ARG A 37 -8.65 -1.55 4.57
N GLY A 38 -9.57 -1.08 3.75
CA GLY A 38 -9.22 -0.11 2.71
C GLY A 38 -8.37 -0.71 1.62
N ILE A 39 -7.45 0.10 1.11
CA ILE A 39 -6.61 -0.36 0.02
C ILE A 39 -5.79 -1.58 0.44
N GLY A 40 -5.28 -1.56 1.67
CA GLY A 40 -4.49 -2.67 2.14
C GLY A 40 -5.26 -3.99 2.11
N ARG A 41 -6.53 -3.94 2.52
CA ARG A 41 -7.40 -5.11 2.45
C ARG A 41 -7.62 -5.55 1.02
N ALA A 42 -7.81 -4.60 0.11
CA ALA A 42 -7.97 -4.95 -1.31
C ALA A 42 -6.72 -5.60 -1.88
N ILE A 43 -5.57 -5.09 -1.50
CA ILE A 43 -4.31 -5.69 -1.91
C ILE A 43 -4.22 -7.13 -1.40
N ALA A 44 -4.55 -7.32 -0.13
CA ALA A 44 -4.54 -8.65 0.46
C ALA A 44 -5.49 -9.61 -0.29
N GLN A 45 -6.69 -9.12 -0.60
CA GLN A 45 -7.66 -9.93 -1.34
C GLN A 45 -7.07 -10.39 -2.67
N ALA A 46 -6.43 -9.45 -3.38
CA ALA A 46 -5.87 -9.74 -4.68
C ALA A 46 -4.78 -10.81 -4.60
N PHE A 47 -3.89 -10.68 -3.63
CA PHE A 47 -2.83 -11.68 -3.46
C PHE A 47 -3.39 -13.06 -3.11
N VAL A 48 -4.44 -13.10 -2.26
CA VAL A 48 -5.08 -14.38 -1.94
C VAL A 48 -5.73 -14.98 -3.18
N GLU A 49 -6.36 -14.13 -3.99
CA GLU A 49 -6.96 -14.55 -5.26
C GLU A 49 -5.93 -15.21 -6.20
N ARG A 50 -4.69 -14.74 -6.10
CA ARG A 50 -3.58 -15.25 -6.92
C ARG A 50 -2.80 -16.38 -6.22
N SER A 51 -3.40 -16.94 -5.14
CA SER A 51 -2.89 -18.13 -4.41
C SER A 51 -1.67 -17.88 -3.53
N ALA A 52 -1.39 -16.61 -3.22
CA ALA A 52 -0.33 -16.30 -2.28
C ALA A 52 -0.79 -16.58 -0.84
N THR A 53 0.20 -16.79 0.05
CA THR A 53 -0.04 -16.70 1.50
C THR A 53 0.22 -15.25 1.90
N VAL A 54 -0.71 -14.62 2.60
CA VAL A 54 -0.58 -13.22 2.94
CA VAL A 54 -0.56 -13.21 2.95
C VAL A 54 -0.51 -13.03 4.45
N GLY A 55 0.39 -12.17 4.88
CA GLY A 55 0.46 -11.69 6.24
C GLY A 55 -0.29 -10.36 6.34
N ILE A 56 -1.39 -10.38 7.08
CA ILE A 56 -2.25 -9.21 7.23
C ILE A 56 -1.75 -8.42 8.42
N CYS A 57 -0.96 -7.39 8.13
CA CYS A 57 -0.33 -6.59 9.18
C CYS A 57 -1.12 -5.31 9.40
N ASP A 58 -1.61 -5.13 10.62
CA ASP A 58 -2.29 -3.91 11.02
C ASP A 58 -2.31 -3.85 12.55
N LEU A 59 -2.89 -2.78 13.06
CA LEU A 59 -2.82 -2.46 14.48
CA LEU A 59 -2.80 -2.46 14.49
C LEU A 59 -3.59 -3.35 15.44
N ASN A 60 -4.82 -3.66 15.12
CA ASN A 60 -5.71 -4.33 16.10
C ASN A 60 -5.90 -5.79 15.75
N LEU A 61 -5.63 -6.68 16.70
CA LEU A 61 -5.70 -8.10 16.42
C LEU A 61 -7.09 -8.56 16.00
N ALA A 62 -8.14 -8.15 16.72
CA ALA A 62 -9.50 -8.55 16.34
C ALA A 62 -9.85 -8.09 14.90
N ASP A 63 -9.46 -6.87 14.57
CA ASP A 63 -9.71 -6.28 13.24
C ASP A 63 -8.95 -7.07 12.17
N VAL A 64 -7.68 -7.37 12.44
CA VAL A 64 -6.86 -8.16 11.56
C VAL A 64 -7.44 -9.59 11.40
N ALA A 65 -7.83 -10.21 12.51
CA ALA A 65 -8.32 -11.60 12.45
C ALA A 65 -9.63 -11.64 11.66
N ARG A 66 -10.47 -10.62 11.80
CA ARG A 66 -11.72 -10.52 11.01
C ARG A 66 -11.41 -10.48 9.52
N THR A 67 -10.45 -9.67 9.11
CA THR A 67 -10.11 -9.61 7.71
C THR A 67 -9.49 -10.92 7.26
N CYS A 68 -8.68 -11.56 8.12
CA CYS A 68 -8.15 -12.89 7.78
C CYS A 68 -9.26 -13.90 7.53
N GLU A 69 -10.29 -13.88 8.37
CA GLU A 69 -11.41 -14.81 8.22
CA GLU A 69 -11.39 -14.83 8.23
C GLU A 69 -12.11 -14.59 6.89
N GLU A 70 -12.32 -13.32 6.56
CA GLU A 70 -12.97 -12.89 5.36
C GLU A 70 -12.17 -13.41 4.15
N LEU A 71 -10.87 -13.23 4.19
CA LEU A 71 -10.00 -13.68 3.07
C LEU A 71 -9.89 -15.19 2.96
N ASN A 72 -9.80 -15.85 4.10
CA ASN A 72 -9.68 -17.31 4.09
C ASN A 72 -10.98 -17.97 3.64
N GLY A 73 -12.09 -17.25 3.70
CA GLY A 73 -13.35 -17.78 3.18
C GLY A 73 -13.42 -17.89 1.65
N LEU A 74 -12.51 -17.22 0.94
CA LEU A 74 -12.45 -17.33 -0.52
C LEU A 74 -11.98 -18.70 -1.02
N GLY A 75 -11.33 -19.48 -0.16
CA GLY A 75 -10.88 -20.81 -0.53
C GLY A 75 -9.73 -20.84 -1.54
N LEU A 76 -8.93 -19.77 -1.55
CA LEU A 76 -7.75 -19.71 -2.42
C LEU A 76 -6.51 -19.59 -1.52
N GLY A 77 -5.73 -18.52 -1.64
CA GLY A 77 -4.58 -18.34 -0.75
C GLY A 77 -4.96 -18.14 0.70
N ARG A 78 -4.00 -18.22 1.56
CA ARG A 78 -4.23 -18.24 3.00
C ARG A 78 -3.79 -16.90 3.58
N ALA A 79 -4.53 -16.42 4.56
CA ALA A 79 -4.21 -15.17 5.29
C ALA A 79 -3.95 -15.46 6.76
N VAL A 80 -2.87 -14.86 7.26
CA VAL A 80 -2.47 -15.00 8.64
C VAL A 80 -2.33 -13.64 9.30
N PRO A 81 -2.68 -13.55 10.60
CA PRO A 81 -2.67 -12.25 11.27
C PRO A 81 -1.29 -11.82 11.78
N ILE A 82 -1.00 -10.53 11.63
CA ILE A 82 0.23 -9.92 12.12
C ILE A 82 -0.13 -8.57 12.77
N ALA A 83 -0.52 -8.61 14.04
CA ALA A 83 -0.98 -7.43 14.73
C ALA A 83 0.17 -6.72 15.41
N CYS A 84 0.43 -5.51 14.95
CA CYS A 84 1.47 -4.67 15.53
C CYS A 84 1.38 -3.27 14.97
N ASP A 85 2.08 -2.34 15.63
CA ASP A 85 2.35 -1.02 15.10
C ASP A 85 3.61 -1.13 14.24
N VAL A 86 3.43 -0.97 12.94
CA VAL A 86 4.54 -1.10 11.99
C VAL A 86 5.70 -0.13 12.25
N SER A 87 5.45 0.98 12.96
CA SER A 87 6.50 1.92 13.32
C SER A 87 7.40 1.43 14.44
N ASP A 88 7.02 0.34 15.11
CA ASP A 88 7.79 -0.22 16.22
C ASP A 88 8.53 -1.44 15.66
N TYR A 89 9.80 -1.25 15.34
CA TYR A 89 10.57 -2.28 14.66
C TYR A 89 10.55 -3.61 15.46
N ASP A 90 10.83 -3.53 16.75
CA ASP A 90 10.94 -4.77 17.52
C ASP A 90 9.58 -5.48 17.57
N ALA A 91 8.51 -4.71 17.70
CA ALA A 91 7.18 -5.33 17.74
C ALA A 91 6.84 -6.00 16.40
N LEU A 92 7.21 -5.33 15.30
CA LEU A 92 7.01 -5.85 13.98
C LEU A 92 7.76 -7.18 13.77
N VAL A 93 9.03 -7.20 14.14
CA VAL A 93 9.83 -8.41 13.99
C VAL A 93 9.22 -9.55 14.81
N ALA A 94 8.82 -9.24 16.04
CA ALA A 94 8.23 -10.29 16.87
C ALA A 94 6.93 -10.84 16.25
N ALA A 95 6.13 -9.94 15.70
CA ALA A 95 4.87 -10.38 15.13
C ALA A 95 5.10 -11.21 13.85
N ILE A 96 6.07 -10.79 13.03
CA ILE A 96 6.46 -11.59 11.89
C ILE A 96 6.97 -12.95 12.31
N ASP A 97 7.87 -12.97 13.30
CA ASP A 97 8.48 -14.22 13.73
CA ASP A 97 8.48 -14.22 13.74
C ASP A 97 7.38 -15.21 14.19
N ASP A 98 6.35 -14.69 14.86
CA ASP A 98 5.32 -15.58 15.39
C ASP A 98 4.50 -16.31 14.32
N THR A 99 4.51 -15.82 13.09
CA THR A 99 3.83 -16.53 12.02
C THR A 99 4.56 -17.79 11.55
N GLY A 100 5.88 -17.82 11.79
CA GLY A 100 6.73 -18.84 11.26
C GLY A 100 6.98 -18.79 9.77
N LEU A 101 6.53 -17.73 9.10
CA LEU A 101 6.69 -17.57 7.68
C LEU A 101 7.91 -16.75 7.34
N VAL A 102 8.57 -17.10 6.24
CA VAL A 102 9.56 -16.23 5.66
C VAL A 102 8.88 -15.49 4.51
N PHE A 103 8.80 -14.17 4.64
CA PHE A 103 8.14 -13.36 3.63
C PHE A 103 9.16 -12.98 2.53
N ASP A 104 8.87 -13.41 1.30
CA ASP A 104 9.69 -13.04 0.13
C ASP A 104 9.26 -11.72 -0.48
N THR A 105 8.11 -11.21 -0.08
CA THR A 105 7.55 -10.01 -0.65
C THR A 105 6.95 -9.17 0.47
N VAL A 106 7.10 -7.85 0.38
CA VAL A 106 6.33 -6.93 1.22
C VAL A 106 5.72 -5.85 0.36
N VAL A 107 4.44 -5.58 0.61
CA VAL A 107 3.74 -4.43 0.11
C VAL A 107 3.47 -3.49 1.29
N ASN A 108 4.22 -2.39 1.30
CA ASN A 108 4.07 -1.35 2.30
C ASN A 108 2.95 -0.44 1.91
N ASN A 109 1.79 -0.63 2.52
CA ASN A 109 0.65 0.25 2.27
CA ASN A 109 0.62 0.20 2.28
C ASN A 109 0.23 1.09 3.47
N ALA A 110 0.68 0.73 4.67
CA ALA A 110 0.34 1.50 5.87
C ALA A 110 0.65 2.96 5.69
N GLY A 111 -0.32 3.80 6.01
CA GLY A 111 -0.14 5.21 5.94
C GLY A 111 -1.32 5.88 6.60
N ILE A 112 -1.06 7.06 7.16
CA ILE A 112 -2.08 7.89 7.76
C ILE A 112 -2.03 9.29 7.16
N SER A 113 -3.16 9.98 7.21
CA SER A 113 -3.29 11.32 6.67
C SER A 113 -4.23 12.07 7.61
N PRO A 114 -3.73 12.48 8.77
CA PRO A 114 -4.62 13.08 9.77
C PRO A 114 -5.26 14.39 9.30
N LYS A 115 -6.50 14.57 9.78
CA LYS A 115 -7.31 15.74 9.50
C LYS A 115 -7.91 16.28 10.80
N HIS A 116 -8.39 17.53 10.71
CA HIS A 116 -9.03 18.20 11.83
C HIS A 116 -10.33 18.81 11.29
N ASN A 117 -11.46 18.33 11.79
CA ASN A 117 -12.76 18.71 11.26
C ASN A 117 -12.80 18.53 9.74
N GLY A 118 -12.18 17.44 9.30
CA GLY A 118 -12.22 17.05 7.93
C GLY A 118 -11.24 17.71 6.99
N VAL A 119 -10.39 18.61 7.49
CA VAL A 119 -9.43 19.37 6.68
CA VAL A 119 -9.43 19.31 6.65
C VAL A 119 -8.01 19.19 7.23
N ALA A 120 -7.05 19.24 6.35
CA ALA A 120 -5.68 19.17 6.74
C ALA A 120 -5.27 20.45 7.47
N HIS A 121 -4.45 20.30 8.50
CA HIS A 121 -3.76 21.47 9.04
C HIS A 121 -2.68 21.93 8.06
N LYS A 122 -2.59 23.24 7.89
CA LYS A 122 -1.53 23.91 7.14
CA LYS A 122 -1.53 23.91 7.15
C LYS A 122 -0.22 23.87 7.92
N VAL A 123 0.90 24.10 7.25
CA VAL A 123 2.15 23.89 7.93
C VAL A 123 2.28 24.81 9.16
N TRP A 124 1.76 26.04 9.06
CA TRP A 124 1.92 27.01 10.16
C TRP A 124 1.08 26.68 11.38
N GLU A 125 0.16 25.71 11.23
CA GLU A 125 -0.79 25.18 12.24
CA GLU A 125 -0.60 25.29 12.41
C GLU A 125 -0.38 23.82 12.77
N MET A 126 0.62 23.19 12.13
CA MET A 126 0.87 21.80 12.33
C MET A 126 1.58 21.48 13.63
N ALA A 127 0.99 20.62 14.44
CA ALA A 127 1.65 20.20 15.69
C ALA A 127 2.85 19.32 15.34
N PRO A 128 4.01 19.63 15.93
CA PRO A 128 5.18 18.77 15.73
C PRO A 128 4.90 17.30 16.04
N ASP A 129 4.10 17.02 17.07
CA ASP A 129 3.79 15.63 17.39
CA ASP A 129 3.81 15.62 17.39
C ASP A 129 3.03 14.90 16.27
N GLU A 130 2.16 15.64 15.59
CA GLU A 130 1.40 15.06 14.47
C GLU A 130 2.35 14.79 13.31
N TRP A 131 3.18 15.78 12.96
CA TRP A 131 4.23 15.54 11.97
C TRP A 131 5.03 14.29 12.27
N ARG A 132 5.50 14.21 13.50
CA ARG A 132 6.34 13.07 13.87
C ARG A 132 5.62 11.71 13.76
N ARG A 133 4.36 11.66 14.16
CA ARG A 133 3.60 10.43 14.05
C ARG A 133 3.42 10.00 12.60
N VAL A 134 3.13 10.94 11.72
CA VAL A 134 2.95 10.61 10.30
C VAL A 134 4.27 10.15 9.70
N VAL A 135 5.36 10.81 10.06
CA VAL A 135 6.67 10.34 9.60
C VAL A 135 6.93 8.92 10.10
N ASP A 136 6.67 8.67 11.38
CA ASP A 136 6.87 7.33 11.95
CA ASP A 136 6.91 7.35 11.93
C ASP A 136 6.14 6.22 11.23
N VAL A 137 4.86 6.44 10.95
CA VAL A 137 4.06 5.43 10.29
C VAL A 137 4.38 5.35 8.80
N ASN A 138 4.27 6.47 8.11
CA ASN A 138 4.30 6.46 6.65
C ASN A 138 5.67 6.17 6.08
N LEU A 139 6.69 6.66 6.74
CA LEU A 139 8.06 6.55 6.25
C LEU A 139 8.81 5.48 7.05
N THR A 140 8.91 5.66 8.36
CA THR A 140 9.72 4.71 9.13
C THR A 140 9.09 3.32 9.16
N GLY A 141 7.77 3.21 9.16
CA GLY A 141 7.13 1.93 9.04
C GLY A 141 7.51 1.16 7.79
N THR A 142 7.65 1.89 6.70
CA THR A 142 8.06 1.29 5.42
C THR A 142 9.55 0.85 5.49
N PHE A 143 10.42 1.71 6.06
CA PHE A 143 11.77 1.24 6.35
C PHE A 143 11.77 -0.04 7.20
N ASN A 144 10.93 -0.08 8.24
CA ASN A 144 11.02 -1.17 9.20
C ASN A 144 10.77 -2.51 8.56
N THR A 145 9.74 -2.64 7.72
CA THR A 145 9.52 -3.94 7.09
C THR A 145 10.66 -4.35 6.18
N ILE A 146 11.23 -3.35 5.51
CA ILE A 146 12.30 -3.60 4.57
C ILE A 146 13.56 -4.02 5.31
N ARG A 147 13.88 -3.33 6.40
CA ARG A 147 14.99 -3.74 7.26
C ARG A 147 14.78 -5.16 7.82
N ALA A 148 13.54 -5.47 8.21
CA ALA A 148 13.25 -6.79 8.79
C ALA A 148 13.45 -7.91 7.78
N LEU A 149 13.05 -7.67 6.52
CA LEU A 149 12.96 -8.75 5.54
C LEU A 149 14.11 -8.86 4.56
N THR A 150 14.82 -7.76 4.35
CA THR A 150 15.92 -7.78 3.37
C THR A 150 17.12 -8.66 3.72
N PRO A 151 17.46 -8.87 5.01
CA PRO A 151 18.56 -9.82 5.24
C PRO A 151 18.27 -11.17 4.61
N GLY A 152 17.04 -11.66 4.78
CA GLY A 152 16.63 -12.93 4.20
C GLY A 152 16.59 -12.88 2.69
N MET A 153 16.05 -11.80 2.13
CA MET A 153 15.99 -11.67 0.67
C MET A 153 17.39 -11.66 0.06
N VAL A 154 18.31 -10.94 0.69
CA VAL A 154 19.68 -10.92 0.20
C VAL A 154 20.32 -12.30 0.26
N GLU A 155 20.12 -13.01 1.37
CA GLU A 155 20.63 -14.39 1.50
C GLU A 155 20.06 -15.31 0.41
N ALA A 156 18.79 -15.13 0.09
CA ALA A 156 18.08 -15.96 -0.88
C ALA A 156 18.34 -15.52 -2.33
N ARG A 157 18.90 -14.32 -2.50
CA ARG A 157 18.99 -13.65 -3.80
C ARG A 157 17.61 -13.68 -4.50
N ARG A 158 16.61 -13.27 -3.73
CA ARG A 158 15.23 -13.30 -4.21
C ARG A 158 14.38 -12.42 -3.34
N GLY A 159 13.51 -11.60 -3.95
CA GLY A 159 12.64 -10.77 -3.14
C GLY A 159 11.96 -9.71 -3.97
N TRP A 160 10.85 -9.22 -3.45
CA TRP A 160 10.09 -8.17 -4.08
C TRP A 160 9.55 -7.21 -3.04
N ILE A 161 9.67 -5.92 -3.32
CA ILE A 161 9.15 -4.90 -2.44
C ILE A 161 8.30 -3.94 -3.27
N VAL A 162 7.11 -3.59 -2.78
CA VAL A 162 6.29 -2.53 -3.33
C VAL A 162 5.99 -1.56 -2.20
N ASN A 163 6.34 -0.31 -2.39
CA ASN A 163 6.01 0.75 -1.44
C ASN A 163 4.85 1.59 -1.96
N THR A 164 4.28 2.40 -1.07
CA THR A 164 3.17 3.24 -1.44
C THR A 164 3.56 4.70 -1.25
N SER A 165 3.69 5.41 -2.37
CA SER A 165 3.79 6.87 -2.39
C SER A 165 2.37 7.42 -2.56
N SER A 166 2.24 8.50 -3.33
CA SER A 166 0.95 9.14 -3.63
C SER A 166 1.22 10.19 -4.69
N VAL A 167 0.21 10.52 -5.49
CA VAL A 167 0.37 11.68 -6.35
C VAL A 167 0.73 12.94 -5.54
N ALA A 168 0.27 12.99 -4.28
CA ALA A 168 0.55 14.12 -3.39
C ALA A 168 2.02 14.25 -2.98
N GLY A 169 2.79 13.18 -3.19
CA GLY A 169 4.23 13.23 -2.97
C GLY A 169 5.00 13.83 -4.11
N LYS A 170 4.33 13.95 -5.27
CA LYS A 170 4.94 14.46 -6.52
CA LYS A 170 4.93 14.44 -6.54
C LYS A 170 4.49 15.88 -6.90
N THR A 171 3.28 16.25 -6.46
CA THR A 171 2.74 17.58 -6.68
C THR A 171 1.72 17.85 -5.59
N TYR A 172 1.23 19.08 -5.55
CA TYR A 172 0.38 19.49 -4.46
C TYR A 172 -1.05 18.98 -4.59
N SER A 173 -1.54 18.35 -3.52
CA SER A 173 -2.97 18.09 -3.37
C SER A 173 -3.47 18.86 -2.15
N PRO A 174 -4.53 19.68 -2.31
CA PRO A 174 -5.00 20.44 -1.16
C PRO A 174 -5.78 19.62 -0.14
N ILE A 175 -5.99 18.36 -0.46
CA ILE A 175 -6.64 17.40 0.44
CA ILE A 175 -6.64 17.39 0.43
C ILE A 175 -5.76 17.01 1.63
N VAL A 176 -4.45 17.05 1.46
CA VAL A 176 -3.55 16.49 2.45
C VAL A 176 -2.71 17.57 3.12
N ALA A 177 -2.14 17.19 4.25
CA ALA A 177 -1.20 18.04 4.94
C ALA A 177 0.24 17.77 4.50
N CYS A 178 1.13 18.61 4.98
CA CYS A 178 2.52 18.61 4.51
C CYS A 178 3.27 17.34 4.90
N HIS A 179 2.94 16.74 6.04
CA HIS A 179 3.59 15.51 6.45
C HIS A 179 3.29 14.38 5.47
N TYR A 180 2.04 14.27 5.01
CA TYR A 180 1.68 13.28 4.02
C TYR A 180 2.50 13.50 2.74
N ALA A 181 2.54 14.74 2.25
CA ALA A 181 3.32 15.03 1.04
C ALA A 181 4.79 14.67 1.21
N ALA A 182 5.36 15.04 2.37
CA ALA A 182 6.77 14.82 2.58
C ALA A 182 7.10 13.34 2.68
N THR A 183 6.29 12.61 3.43
CA THR A 183 6.54 11.18 3.59
C THR A 183 6.33 10.43 2.29
N LYS A 184 5.30 10.80 1.54
CA LYS A 184 5.06 10.11 0.27
C LYS A 184 6.12 10.49 -0.76
N SER A 185 6.64 11.73 -0.70
CA SER A 185 7.78 12.10 -1.55
C SER A 185 9.01 11.30 -1.19
N ALA A 186 9.21 11.04 0.09
CA ALA A 186 10.37 10.27 0.54
C ALA A 186 10.45 8.93 -0.15
N ILE A 187 9.27 8.30 -0.30
CA ILE A 187 9.21 6.95 -0.82
C ILE A 187 9.78 6.85 -2.24
N ILE A 188 9.68 7.92 -3.03
CA ILE A 188 10.12 7.86 -4.43
C ILE A 188 11.62 7.64 -4.57
N GLY A 189 12.39 8.50 -3.94
CA GLY A 189 13.84 8.34 -3.98
C GLY A 189 14.34 7.22 -3.10
N PHE A 190 13.63 6.93 -2.01
CA PHE A 190 13.97 5.73 -1.20
C PHE A 190 13.87 4.48 -2.07
N THR A 191 12.80 4.40 -2.87
CA THR A 191 12.58 3.26 -3.74
C THR A 191 13.69 3.10 -4.78
N LYS A 192 14.10 4.19 -5.42
CA LYS A 192 15.24 4.11 -6.35
C LYS A 192 16.50 3.63 -5.65
N HIS A 193 16.78 4.20 -4.48
CA HIS A 193 18.00 3.85 -3.75
C HIS A 193 18.00 2.37 -3.39
N LEU A 194 16.88 1.91 -2.86
CA LEU A 194 16.73 0.51 -2.50
C LEU A 194 16.88 -0.42 -3.73
N ALA A 195 16.28 0.00 -4.85
CA ALA A 195 16.41 -0.78 -6.06
C ALA A 195 17.88 -0.98 -6.45
N ALA A 196 18.67 0.07 -6.28
CA ALA A 196 20.10 -0.04 -6.59
C ALA A 196 20.84 -0.90 -5.58
N GLU A 197 20.53 -0.79 -4.29
CA GLU A 197 21.24 -1.59 -3.30
C GLU A 197 20.91 -3.07 -3.43
N LEU A 198 19.65 -3.36 -3.74
CA LEU A 198 19.13 -4.72 -3.68
C LEU A 198 19.15 -5.45 -5.02
N GLY A 199 19.18 -4.67 -6.10
CA GLY A 199 19.22 -5.24 -7.44
C GLY A 199 20.33 -6.26 -7.73
N PRO A 200 21.53 -6.07 -7.17
CA PRO A 200 22.59 -7.07 -7.40
C PRO A 200 22.23 -8.46 -6.93
N TYR A 201 21.29 -8.53 -6.00
CA TYR A 201 20.80 -9.79 -5.42
C TYR A 201 19.51 -10.25 -6.08
N SER A 202 19.18 -9.62 -7.21
CA SER A 202 18.02 -9.97 -8.04
CA SER A 202 18.02 -9.99 -8.03
C SER A 202 16.68 -9.61 -7.40
N ILE A 203 16.72 -8.71 -6.41
CA ILE A 203 15.53 -8.23 -5.71
C ILE A 203 15.06 -6.98 -6.40
N ARG A 204 13.74 -6.88 -6.61
CA ARG A 204 13.13 -5.71 -7.26
C ARG A 204 12.35 -4.89 -6.26
N VAL A 205 12.38 -3.56 -6.44
CA VAL A 205 11.78 -2.62 -5.50
C VAL A 205 11.07 -1.56 -6.30
N ASN A 206 9.76 -1.44 -6.16
CA ASN A 206 8.99 -0.43 -6.89
C ASN A 206 8.00 0.21 -5.94
N ALA A 207 7.26 1.19 -6.44
CA ALA A 207 6.28 1.89 -5.65
C ALA A 207 5.07 2.21 -6.50
N MET A 208 3.95 2.41 -5.82
CA MET A 208 2.71 2.87 -6.42
C MET A 208 2.38 4.24 -5.88
N ALA A 209 1.84 5.13 -6.72
CA ALA A 209 1.39 6.44 -6.24
C ALA A 209 -0.11 6.58 -6.53
N PRO A 210 -0.95 6.12 -5.62
CA PRO A 210 -2.39 6.23 -5.87
C PRO A 210 -2.82 7.70 -5.95
N GLY A 211 -3.87 7.90 -6.75
CA GLY A 211 -4.58 9.15 -6.80
C GLY A 211 -5.67 9.14 -5.76
N ARG A 212 -6.90 9.37 -6.19
CA ARG A 212 -8.08 9.34 -5.33
CA ARG A 212 -8.12 9.39 -5.34
C ARG A 212 -8.89 8.04 -5.52
N ILE A 213 -8.83 7.19 -4.48
CA ILE A 213 -9.34 5.84 -4.52
C ILE A 213 -10.54 5.76 -3.60
N ALA A 214 -11.58 5.11 -4.07
CA ALA A 214 -12.82 4.96 -3.33
C ALA A 214 -12.72 3.94 -2.19
N THR A 215 -12.06 4.32 -1.14
CA THR A 215 -12.05 3.61 0.12
C THR A 215 -13.17 4.20 0.96
N PRO A 216 -13.48 3.55 2.10
CA PRO A 216 -14.54 4.15 2.91
C PRO A 216 -14.27 5.58 3.35
N MET A 217 -13.04 5.88 3.76
CA MET A 217 -12.70 7.28 4.19
C MET A 217 -12.91 8.32 3.08
N VAL A 218 -12.53 7.95 1.86
CA VAL A 218 -12.62 8.87 0.71
C VAL A 218 -14.07 9.05 0.31
N ALA A 219 -14.75 7.92 0.08
CA ALA A 219 -16.09 7.95 -0.46
C ALA A 219 -17.06 8.65 0.51
N GLY A 220 -16.74 8.59 1.80
CA GLY A 220 -17.57 9.23 2.84
C GLY A 220 -17.47 10.74 3.02
N VAL A 221 -16.53 11.40 2.33
CA VAL A 221 -16.35 12.88 2.37
C VAL A 221 -17.58 13.55 1.72
N ALA A 222 -17.71 14.87 1.89
CA ALA A 222 -18.79 15.62 1.27
C ALA A 222 -18.78 15.42 -0.25
N PRO A 223 -19.97 15.25 -0.87
CA PRO A 223 -20.01 15.02 -2.31
C PRO A 223 -19.21 16.06 -3.07
N GLU A 224 -19.18 17.28 -2.56
CA GLU A 224 -18.48 18.39 -3.21
C GLU A 224 -16.98 18.13 -3.34
N VAL A 225 -16.41 17.56 -2.30
CA VAL A 225 -14.97 17.31 -2.29
C VAL A 225 -14.59 16.18 -3.28
N ASN A 226 -15.27 15.05 -3.21
CA ASN A 226 -15.08 14.06 -4.27
C ASN A 226 -15.39 14.55 -5.63
N ALA A 227 -16.49 15.31 -5.76
CA ALA A 227 -16.87 15.82 -7.03
C ALA A 227 -15.74 16.64 -7.62
N GLU A 228 -15.08 17.46 -6.80
CA GLU A 228 -14.00 18.31 -7.30
C GLU A 228 -12.83 17.44 -7.77
N GLN A 229 -12.49 16.45 -6.96
CA GLN A 229 -11.41 15.54 -7.30
C GLN A 229 -11.72 14.80 -8.59
N VAL A 230 -12.95 14.31 -8.75
CA VAL A 230 -13.34 13.63 -9.99
C VAL A 230 -13.26 14.56 -11.17
N LYS A 231 -13.66 15.82 -10.99
CA LYS A 231 -13.57 16.82 -12.06
C LYS A 231 -12.12 17.03 -12.52
N LEU A 232 -11.19 16.89 -11.58
CA LEU A 232 -9.75 17.00 -11.86
C LEU A 232 -9.11 15.74 -12.45
N THR A 233 -9.90 14.67 -12.53
CA THR A 233 -9.44 13.39 -12.99
C THR A 233 -9.86 13.16 -14.44
N PRO A 234 -8.91 13.07 -15.38
CA PRO A 234 -9.29 12.88 -16.80
C PRO A 234 -10.23 11.68 -17.00
N MET A 235 -9.97 10.55 -16.33
CA MET A 235 -10.80 9.36 -16.50
C MET A 235 -12.17 9.44 -15.81
N ALA A 236 -12.43 10.53 -15.09
CA ALA A 236 -13.81 10.91 -14.75
C ALA A 236 -14.47 10.00 -13.72
N ARG A 237 -13.65 9.47 -12.81
CA ARG A 237 -14.13 8.64 -11.74
C ARG A 237 -13.04 8.49 -10.69
N LEU A 238 -13.46 8.07 -9.50
CA LEU A 238 -12.52 7.59 -8.49
C LEU A 238 -11.95 6.25 -8.91
N GLY A 239 -10.73 5.96 -8.44
CA GLY A 239 -10.16 4.63 -8.65
C GLY A 239 -10.79 3.66 -7.68
N GLN A 240 -10.79 2.38 -8.04
CA GLN A 240 -11.24 1.34 -7.11
C GLN A 240 -10.04 0.73 -6.39
N PRO A 241 -10.21 0.34 -5.12
CA PRO A 241 -9.11 -0.32 -4.43
C PRO A 241 -8.51 -1.49 -5.19
N ALA A 242 -9.34 -2.28 -5.84
CA ALA A 242 -8.85 -3.42 -6.62
C ALA A 242 -7.92 -3.04 -7.75
N GLU A 243 -8.04 -1.81 -8.24
CA GLU A 243 -7.17 -1.33 -9.33
C GLU A 243 -5.75 -1.01 -8.80
N VAL A 244 -5.67 -0.50 -7.57
CA VAL A 244 -4.38 -0.38 -6.90
C VAL A 244 -3.78 -1.77 -6.67
N ALA A 245 -4.61 -2.70 -6.20
CA ALA A 245 -4.15 -4.03 -5.93
C ALA A 245 -3.57 -4.70 -7.18
N ASP A 246 -4.21 -4.48 -8.32
CA ASP A 246 -3.68 -5.07 -9.57
C ASP A 246 -2.27 -4.62 -9.90
N VAL A 247 -1.96 -3.37 -9.54
CA VAL A 247 -0.61 -2.87 -9.77
C VAL A 247 0.40 -3.52 -8.82
N ALA A 248 0.00 -3.70 -7.56
CA ALA A 248 0.86 -4.41 -6.62
C ALA A 248 1.09 -5.85 -7.05
N LEU A 249 0.06 -6.52 -7.53
CA LEU A 249 0.24 -7.83 -8.10
C LEU A 249 1.25 -7.84 -9.22
N TRP A 250 1.08 -6.91 -10.17
CA TRP A 250 1.93 -6.93 -11.34
C TRP A 250 3.39 -6.69 -10.99
N LEU A 251 3.63 -5.71 -10.14
CA LEU A 251 4.98 -5.32 -9.74
C LEU A 251 5.71 -6.38 -8.92
N THR A 252 4.97 -7.38 -8.42
CA THR A 252 5.57 -8.48 -7.69
C THR A 252 5.54 -9.79 -8.50
N SER A 253 5.08 -9.68 -9.75
CA SER A 253 4.90 -10.87 -10.59
C SER A 253 6.05 -11.03 -11.58
N THR A 254 6.06 -12.19 -12.22
CA THR A 254 7.10 -12.47 -13.20
C THR A 254 7.00 -11.60 -14.45
N GLU A 255 5.88 -10.89 -14.62
CA GLU A 255 5.64 -10.11 -15.83
C GLU A 255 6.09 -8.66 -15.71
N SER A 256 6.78 -8.35 -14.61
CA SER A 256 7.49 -7.10 -14.46
C SER A 256 8.98 -7.36 -14.15
N SER A 257 9.50 -8.48 -14.67
CA SER A 257 10.79 -8.96 -14.27
C SER A 257 12.01 -8.08 -14.48
N PHE A 258 11.92 -7.05 -15.30
CA PHE A 258 13.06 -6.11 -15.46
C PHE A 258 12.70 -4.69 -15.00
N VAL A 259 11.60 -4.57 -14.26
CA VAL A 259 11.13 -3.29 -13.77
C VAL A 259 11.53 -3.13 -12.31
N THR A 260 12.34 -2.11 -12.04
CA THR A 260 12.74 -1.82 -10.67
C THR A 260 13.00 -0.34 -10.52
N GLY A 261 12.83 0.13 -9.30
CA GLY A 261 13.01 1.52 -8.93
C GLY A 261 11.91 2.47 -9.32
N GLN A 262 10.82 1.96 -9.87
CA GLN A 262 9.79 2.81 -10.48
C GLN A 262 8.69 3.19 -9.49
N THR A 263 8.15 4.40 -9.64
CA THR A 263 6.94 4.78 -8.92
C THR A 263 5.86 4.99 -10.01
N VAL A 264 4.85 4.14 -9.97
CA VAL A 264 3.80 4.12 -10.97
C VAL A 264 2.55 4.73 -10.36
N ASP A 265 2.06 5.83 -10.92
CA ASP A 265 0.84 6.40 -10.41
C ASP A 265 -0.35 5.51 -10.77
N VAL A 266 -1.32 5.45 -9.87
CA VAL A 266 -2.57 4.72 -10.07
C VAL A 266 -3.68 5.71 -9.80
N ALA A 267 -3.98 6.54 -10.80
CA ALA A 267 -4.65 7.83 -10.52
C ALA A 267 -5.58 8.31 -11.63
N GLY A 268 -5.71 7.58 -12.73
CA GLY A 268 -6.65 8.02 -13.76
C GLY A 268 -6.38 9.37 -14.38
N GLY A 269 -5.12 9.83 -14.26
CA GLY A 269 -4.73 11.11 -14.79
C GLY A 269 -4.76 12.26 -13.82
N LEU A 270 -5.20 12.01 -12.58
CA LEU A 270 -5.25 13.07 -11.58
C LEU A 270 -3.83 13.44 -11.13
N TYR A 271 -3.54 14.74 -11.13
CA TYR A 271 -2.29 15.27 -10.55
C TYR A 271 -1.07 14.57 -11.13
N MET A 272 -0.97 14.54 -12.45
CA MET A 272 0.19 13.92 -13.11
C MET A 272 1.47 14.73 -12.90
N ALA A 273 2.52 14.08 -12.44
CA ALA A 273 3.80 14.75 -12.21
C ALA A 273 4.89 13.71 -12.15
#